data_4MZ6
#
_entry.id   4MZ6
#
_cell.length_a   78.033
_cell.length_b   89.948
_cell.length_c   99.440
_cell.angle_alpha   90.00
_cell.angle_beta   90.00
_cell.angle_gamma   90.00
#
_symmetry.space_group_name_H-M   'P 21 21 21'
#
loop_
_entity.id
_entity.type
_entity.pdbx_description
1 polymer "Deoxyuridine 5'-triphosphate nucleotidohydrolase, mitochondrial"
2 polymer 'Importin subunit alpha-1'
3 water water
#
loop_
_entity_poly.entity_id
_entity_poly.type
_entity_poly.pdbx_seq_one_letter_code
_entity_poly.pdbx_strand_id
1 'polypeptide(L)' AIEPSKRARPAEV A,C
2 'polypeptide(L)'
;MHHHHHHSSGLVPRGSGMLETAAALFERNHMDSPDLGTDDDDLAMADIGSNQGTVNWSVEDIVKGINSNNLESQLQATQA
ARKLLSREKQPPIDNIIRAGLIPKFVSFLGKTDCSPIQFESAWALTNIASGTSEQTKAVVDGGAIPAFISLLASPHAHIS
EQAVWALGNIAGDGSAFRDLVIKHGAIDPLLALLAVPDLSTLACGYLRNLTWTLSNLCRNKNPAPPLDAVEQILPTLVRL
LHHNDPEVLADSCWAISYLTDGPNERIEMVVKKGVVPQLVKLLGATELPIVTPALRAIGNIVTGTDEQTQKVIDAGALAV
FPSLLTNPKTNIQKEATWTMSNITAGRQDQIQQVVNHGLVPFLVGVLSKADFKTQKEAAWAITNYTSGGTVEQIVYLVHC
GIIEPLMNLLSAKDTKIIQVILDAISNIFQAAEKLGETEKLSIMIEECGGLDKIEALQRHENESVYKASLNLIEKYFSVE
EEEDQNVVPETTSEGFAFQVQDGAPGTFN
;
E
#
# COMPACT_ATOMS: atom_id res chain seq x y z
N SER A 5 21.90 0.68 2.70
CA SER A 5 21.27 1.76 3.49
C SER A 5 19.85 2.13 3.03
N LYS A 6 19.24 1.25 2.23
CA LYS A 6 17.80 1.37 1.93
C LYS A 6 17.04 1.11 3.24
N ARG A 7 15.92 1.81 3.45
CA ARG A 7 15.13 1.66 4.68
C ARG A 7 13.70 1.21 4.37
N ALA A 8 13.14 0.31 5.20
CA ALA A 8 11.73 -0.01 5.12
C ALA A 8 10.89 1.26 5.38
N ARG A 9 9.68 1.26 4.87
CA ARG A 9 8.71 2.31 5.14
C ARG A 9 8.48 2.37 6.66
N PRO A 10 8.38 3.59 7.21
CA PRO A 10 8.06 3.86 8.62
C PRO A 10 6.64 3.45 9.02
N ALA A 11 6.47 3.02 10.27
CA ALA A 11 5.24 2.41 10.79
C ALA A 11 3.91 3.10 10.43
N GLU B 3 -6.27 1.19 3.82
CA GLU B 3 -7.18 0.63 2.81
C GLU B 3 -7.92 -0.64 3.29
N PRO B 4 -9.26 -0.61 3.31
CA PRO B 4 -10.03 -1.70 3.90
C PRO B 4 -9.84 -2.98 3.11
N SER B 5 -9.64 -4.10 3.77
CA SER B 5 -9.51 -5.32 3.02
C SER B 5 -10.83 -6.07 2.88
N LYS B 6 -11.88 -5.61 3.56
CA LYS B 6 -13.20 -6.21 3.35
C LYS B 6 -14.20 -5.17 2.93
N ARG B 7 -15.24 -5.62 2.21
CA ARG B 7 -16.29 -4.69 1.71
C ARG B 7 -17.64 -5.39 1.86
N ALA B 8 -18.59 -4.73 2.50
CA ALA B 8 -19.95 -5.23 2.55
C ALA B 8 -20.68 -4.72 1.29
N ARG B 9 -21.66 -5.47 0.79
CA ARG B 9 -22.48 -4.96 -0.31
C ARG B 9 -23.68 -4.21 0.28
N PRO B 10 -23.79 -2.89 -0.01
CA PRO B 10 -24.81 -2.13 0.74
C PRO B 10 -26.20 -2.31 0.17
N ALA B 11 -27.21 -1.87 0.92
CA ALA B 11 -28.56 -1.89 0.39
C ALA B 11 -28.63 -0.85 -0.72
N GLU B 12 -29.35 -1.18 -1.78
CA GLU B 12 -29.67 -0.22 -2.83
C GLU B 12 -30.80 0.68 -2.36
N GLY C 53 -42.43 -6.62 2.28
CA GLY C 53 -42.60 -8.04 2.10
C GLY C 53 -41.49 -8.79 2.82
N THR C 54 -40.24 -8.55 2.42
CA THR C 54 -39.10 -9.10 3.14
C THR C 54 -38.36 -7.99 3.92
N VAL C 55 -39.06 -6.88 4.16
CA VAL C 55 -38.42 -5.76 4.85
C VAL C 55 -38.54 -5.88 6.38
N ASN C 56 -37.43 -5.67 7.08
CA ASN C 56 -37.41 -5.63 8.52
C ASN C 56 -37.97 -6.89 9.21
N TRP C 57 -37.55 -8.09 8.78
CA TRP C 57 -38.00 -9.29 9.51
C TRP C 57 -37.22 -9.43 10.81
N SER C 58 -37.81 -10.09 11.81
CA SER C 58 -36.99 -10.49 12.96
C SER C 58 -36.14 -11.71 12.59
N VAL C 59 -35.06 -11.92 13.32
CA VAL C 59 -34.24 -13.09 13.10
C VAL C 59 -35.08 -14.35 13.36
N GLU C 60 -35.93 -14.28 14.36
CA GLU C 60 -36.85 -15.38 14.66
C GLU C 60 -37.63 -15.80 13.43
N ASP C 61 -38.17 -14.83 12.71
CA ASP C 61 -39.02 -15.12 11.56
C ASP C 61 -38.18 -15.65 10.41
N ILE C 62 -36.96 -15.13 10.26
CA ILE C 62 -36.04 -15.64 9.23
C ILE C 62 -35.74 -17.11 9.47
N VAL C 63 -35.49 -17.46 10.72
CA VAL C 63 -35.16 -18.86 11.05
C VAL C 63 -36.37 -19.73 10.74
N LYS C 64 -37.56 -19.26 11.12
CA LYS C 64 -38.78 -20.03 10.87
C LYS C 64 -38.95 -20.32 9.36
N GLY C 65 -38.76 -19.31 8.53
CA GLY C 65 -38.86 -19.46 7.08
C GLY C 65 -37.77 -20.41 6.52
N ILE C 66 -36.55 -20.23 7.00
CA ILE C 66 -35.42 -21.02 6.50
C ILE C 66 -35.55 -22.51 6.85
N ASN C 67 -36.14 -22.81 8.02
CA ASN C 67 -36.36 -24.18 8.45
C ASN C 67 -37.64 -24.79 7.95
N SER C 68 -38.42 -24.06 7.16
CA SER C 68 -39.69 -24.59 6.71
C SER C 68 -39.59 -25.75 5.71
N ASN C 69 -38.46 -25.94 5.03
CA ASN C 69 -38.49 -26.93 3.90
C ASN C 69 -39.60 -26.67 2.82
N ASN C 70 -39.90 -25.40 2.59
CA ASN C 70 -40.67 -24.98 1.45
C ASN C 70 -39.67 -24.06 0.79
N LEU C 71 -39.24 -24.39 -0.43
CA LEU C 71 -38.07 -23.67 -0.97
C LEU C 71 -38.40 -22.18 -1.21
N GLU C 72 -39.65 -21.89 -1.56
CA GLU C 72 -40.07 -20.47 -1.74
C GLU C 72 -40.10 -19.74 -0.40
N SER C 73 -40.63 -20.38 0.65
CA SER C 73 -40.49 -19.81 2.00
C SER C 73 -39.03 -19.56 2.39
N GLN C 74 -38.18 -20.53 2.07
CA GLN C 74 -36.76 -20.34 2.38
C GLN C 74 -36.18 -19.17 1.58
N LEU C 75 -36.59 -19.04 0.33
CA LEU C 75 -36.09 -17.95 -0.53
C LEU C 75 -36.50 -16.62 0.07
N GLN C 76 -37.78 -16.48 0.42
CA GLN C 76 -38.21 -15.20 0.96
C GLN C 76 -37.49 -14.92 2.29
N ALA C 77 -37.27 -15.94 3.11
CA ALA C 77 -36.62 -15.66 4.38
C ALA C 77 -35.14 -15.30 4.14
N THR C 78 -34.53 -15.90 3.12
CA THR C 78 -33.10 -15.62 2.86
C THR C 78 -32.93 -14.18 2.37
N GLN C 79 -33.87 -13.76 1.53
CA GLN C 79 -33.85 -12.39 1.05
C GLN C 79 -34.05 -11.45 2.25
N ALA C 80 -35.00 -11.76 3.13
CA ALA C 80 -35.14 -10.97 4.38
C ALA C 80 -33.81 -10.86 5.17
N ALA C 81 -33.07 -11.95 5.26
CA ALA C 81 -31.78 -11.93 5.95
C ALA C 81 -30.79 -11.04 5.16
N ARG C 82 -30.80 -11.13 3.85
CA ARG C 82 -29.91 -10.29 3.01
C ARG C 82 -30.17 -8.82 3.30
N LYS C 83 -31.46 -8.47 3.41
CA LYS C 83 -31.82 -7.08 3.65
C LYS C 83 -31.36 -6.64 5.01
N LEU C 84 -31.56 -7.46 6.04
CA LEU C 84 -31.09 -7.09 7.39
C LEU C 84 -29.57 -6.89 7.36
N LEU C 85 -28.88 -7.83 6.72
CA LEU C 85 -27.42 -7.82 6.70
C LEU C 85 -26.83 -6.75 5.80
N SER C 86 -27.65 -6.12 4.97
CA SER C 86 -27.10 -5.07 4.07
C SER C 86 -27.49 -3.66 4.52
N ARG C 87 -28.12 -3.57 5.69
CA ARG C 87 -28.40 -2.25 6.29
C ARG C 87 -27.10 -1.64 6.86
N GLU C 88 -26.99 -0.32 6.84
CA GLU C 88 -25.71 0.31 7.17
C GLU C 88 -25.46 0.35 8.68
N LYS C 89 -26.51 0.69 9.43
CA LYS C 89 -26.42 0.79 10.88
C LYS C 89 -26.55 -0.58 11.57
N GLN C 90 -25.42 -1.07 12.05
CA GLN C 90 -25.35 -2.27 12.88
C GLN C 90 -26.12 -3.44 12.31
N PRO C 91 -25.70 -3.94 11.13
CA PRO C 91 -26.39 -5.15 10.64
C PRO C 91 -26.18 -6.25 11.70
N PRO C 92 -27.22 -7.06 11.98
CA PRO C 92 -27.12 -7.99 13.12
C PRO C 92 -26.37 -9.29 12.72
N ILE C 93 -25.09 -9.14 12.36
CA ILE C 93 -24.30 -10.27 11.92
C ILE C 93 -24.22 -11.35 13.02
N ASP C 94 -23.93 -10.96 14.26
CA ASP C 94 -23.77 -11.97 15.32
C ASP C 94 -25.07 -12.70 15.60
N ASN C 95 -26.19 -11.97 15.59
CA ASN C 95 -27.48 -12.64 15.80
C ASN C 95 -27.79 -13.70 14.73
N ILE C 96 -27.48 -13.38 13.48
CA ILE C 96 -27.66 -14.32 12.36
C ILE C 96 -26.74 -15.54 12.51
N ILE C 97 -25.49 -15.31 12.87
CA ILE C 97 -24.57 -16.43 13.12
C ILE C 97 -25.11 -17.32 14.27
N ARG C 98 -25.48 -16.68 15.36
CA ARG C 98 -25.88 -17.40 16.56
C ARG C 98 -27.15 -18.22 16.30
N ALA C 99 -27.95 -17.76 15.35
CA ALA C 99 -29.21 -18.45 15.00
C ALA C 99 -28.92 -19.71 14.16
N GLY C 100 -27.65 -19.94 13.87
CA GLY C 100 -27.25 -21.14 13.15
C GLY C 100 -27.53 -21.10 11.65
N LEU C 101 -27.64 -19.90 11.07
CA LEU C 101 -28.06 -19.80 9.68
C LEU C 101 -26.95 -20.05 8.65
N ILE C 102 -25.69 -19.93 9.03
CA ILE C 102 -24.64 -20.06 7.99
C ILE C 102 -24.67 -21.39 7.22
N PRO C 103 -24.77 -22.53 7.92
CA PRO C 103 -24.85 -23.80 7.15
C PRO C 103 -26.01 -23.87 6.16
N LYS C 104 -27.17 -23.34 6.54
CA LYS C 104 -28.29 -23.27 5.62
C LYS C 104 -27.95 -22.39 4.41
N PHE C 105 -27.45 -21.19 4.66
CA PHE C 105 -27.03 -20.30 3.54
C PHE C 105 -26.03 -21.02 2.62
N VAL C 106 -25.07 -21.72 3.21
CA VAL C 106 -24.10 -22.41 2.38
C VAL C 106 -24.76 -23.50 1.57
N SER C 107 -25.69 -24.25 2.16
CA SER C 107 -26.37 -25.24 1.34
C SER C 107 -27.16 -24.59 0.23
N PHE C 108 -27.71 -23.41 0.47
CA PHE C 108 -28.49 -22.74 -0.60
C PHE C 108 -27.59 -22.34 -1.79
N LEU C 109 -26.29 -22.15 -1.54
CA LEU C 109 -25.39 -21.78 -2.65
C LEU C 109 -25.38 -22.85 -3.71
N GLY C 110 -25.71 -24.08 -3.33
CA GLY C 110 -25.61 -25.20 -4.26
C GLY C 110 -26.91 -25.49 -4.98
N LYS C 111 -27.94 -24.67 -4.74
CA LYS C 111 -29.24 -24.92 -5.35
C LYS C 111 -29.33 -24.38 -6.78
N THR C 112 -28.70 -25.11 -7.70
CA THR C 112 -28.66 -24.73 -9.10
C THR C 112 -30.04 -24.52 -9.71
N ASP C 113 -31.06 -25.21 -9.19
CA ASP C 113 -32.38 -25.00 -9.75
C ASP C 113 -33.10 -23.76 -9.26
N CYS C 114 -32.54 -23.08 -8.27
CA CYS C 114 -33.18 -21.88 -7.75
C CYS C 114 -32.16 -20.76 -7.65
N SER C 115 -31.80 -20.19 -8.80
CA SER C 115 -30.74 -19.16 -8.81
C SER C 115 -31.07 -17.98 -7.89
N PRO C 116 -32.35 -17.60 -7.74
CA PRO C 116 -32.56 -16.51 -6.77
C PRO C 116 -32.04 -16.81 -5.36
N ILE C 117 -32.21 -18.04 -4.87
CA ILE C 117 -31.76 -18.29 -3.51
C ILE C 117 -30.21 -18.39 -3.44
N GLN C 118 -29.59 -18.83 -4.52
CA GLN C 118 -28.11 -18.79 -4.62
C GLN C 118 -27.64 -17.36 -4.46
N PHE C 119 -28.29 -16.42 -5.16
CA PHE C 119 -27.90 -14.99 -5.12
C PHE C 119 -28.11 -14.39 -3.76
N GLU C 120 -29.31 -14.58 -3.22
CA GLU C 120 -29.61 -14.04 -1.89
C GLU C 120 -28.67 -14.60 -0.81
N SER C 121 -28.46 -15.91 -0.82
CA SER C 121 -27.57 -16.43 0.21
C SER C 121 -26.12 -15.99 -0.08
N ALA C 122 -25.72 -15.86 -1.34
CA ALA C 122 -24.33 -15.40 -1.60
C ALA C 122 -24.17 -13.99 -1.03
N TRP C 123 -25.18 -13.15 -1.24
CA TRP C 123 -25.14 -11.78 -0.72
C TRP C 123 -25.13 -11.78 0.83
N ALA C 124 -26.02 -12.57 1.44
CA ALA C 124 -26.03 -12.61 2.90
C ALA C 124 -24.65 -13.05 3.46
N LEU C 125 -24.08 -14.11 2.88
CA LEU C 125 -22.78 -14.61 3.39
C LEU C 125 -21.64 -13.64 3.09
N THR C 126 -21.73 -12.98 1.95
CA THR C 126 -20.72 -11.95 1.65
C THR C 126 -20.69 -10.93 2.77
N ASN C 127 -21.85 -10.53 3.27
CA ASN C 127 -21.89 -9.46 4.26
C ASN C 127 -21.48 -9.94 5.64
N ILE C 128 -21.78 -11.19 5.97
CA ILE C 128 -21.20 -11.76 7.19
C ILE C 128 -19.67 -11.82 7.06
N ALA C 129 -19.17 -12.28 5.91
CA ALA C 129 -17.71 -12.44 5.75
C ALA C 129 -17.00 -11.09 5.70
N SER C 130 -17.76 -10.02 5.52
CA SER C 130 -17.19 -8.67 5.49
C SER C 130 -16.90 -8.15 6.88
N GLY C 131 -17.31 -8.89 7.92
CA GLY C 131 -17.15 -8.42 9.30
C GLY C 131 -15.80 -8.74 9.95
N THR C 132 -15.80 -8.98 11.26
CA THR C 132 -14.57 -9.29 11.99
C THR C 132 -13.98 -10.62 11.51
N SER C 133 -12.74 -10.90 11.92
CA SER C 133 -12.16 -12.20 11.60
C SER C 133 -13.04 -13.35 12.08
N GLU C 134 -13.60 -13.22 13.27
CA GLU C 134 -14.43 -14.29 13.81
C GLU C 134 -15.68 -14.47 12.95
N GLN C 135 -16.21 -13.38 12.43
CA GLN C 135 -17.36 -13.50 11.52
C GLN C 135 -16.98 -14.15 10.19
N THR C 136 -15.83 -13.76 9.64
CA THR C 136 -15.42 -14.37 8.39
C THR C 136 -15.14 -15.86 8.62
N LYS C 137 -14.53 -16.15 9.76
CA LYS C 137 -14.22 -17.56 10.08
C LYS C 137 -15.52 -18.40 10.14
N ALA C 138 -16.58 -17.83 10.71
CA ALA C 138 -17.87 -18.58 10.75
C ALA C 138 -18.28 -19.00 9.34
N VAL C 139 -18.13 -18.09 8.37
CA VAL C 139 -18.42 -18.38 6.97
C VAL C 139 -17.53 -19.48 6.40
N VAL C 140 -16.22 -19.37 6.64
CA VAL C 140 -15.31 -20.41 6.14
C VAL C 140 -15.61 -21.74 6.84
N ASP C 141 -15.89 -21.67 8.14
CA ASP C 141 -16.18 -22.88 8.93
C ASP C 141 -17.46 -23.60 8.42
N GLY C 142 -18.38 -22.85 7.82
CA GLY C 142 -19.58 -23.51 7.30
C GLY C 142 -19.40 -24.10 5.89
N GLY C 143 -18.18 -24.09 5.37
CA GLY C 143 -17.90 -24.70 4.06
C GLY C 143 -18.08 -23.78 2.84
N ALA C 144 -18.10 -22.47 3.07
CA ALA C 144 -18.45 -21.53 2.01
C ALA C 144 -17.40 -21.46 0.90
N ILE C 145 -16.13 -21.74 1.21
CA ILE C 145 -15.10 -21.53 0.19
C ILE C 145 -15.30 -22.36 -1.10
N PRO C 146 -15.39 -23.72 -0.97
CA PRO C 146 -15.60 -24.41 -2.26
C PRO C 146 -16.96 -24.12 -2.89
N ALA C 147 -17.95 -23.81 -2.07
CA ALA C 147 -19.28 -23.52 -2.62
C ALA C 147 -19.25 -22.22 -3.44
N PHE C 148 -18.54 -21.20 -2.94
CA PHE C 148 -18.39 -19.96 -3.74
C PHE C 148 -17.54 -20.17 -4.98
N ILE C 149 -16.47 -20.96 -4.87
CA ILE C 149 -15.68 -21.24 -6.08
C ILE C 149 -16.50 -21.91 -7.13
N SER C 150 -17.40 -22.81 -6.73
CA SER C 150 -18.22 -23.46 -7.75
C SER C 150 -19.15 -22.45 -8.41
N LEU C 151 -19.57 -21.44 -7.68
CA LEU C 151 -20.47 -20.43 -8.27
C LEU C 151 -19.76 -19.48 -9.23
N LEU C 152 -18.42 -19.45 -9.19
CA LEU C 152 -17.68 -18.62 -10.15
C LEU C 152 -18.07 -18.95 -11.57
N ALA C 153 -18.42 -20.21 -11.84
CA ALA C 153 -18.79 -20.58 -13.20
C ALA C 153 -20.30 -20.50 -13.49
N SER C 154 -21.07 -19.86 -12.60
CA SER C 154 -22.50 -19.73 -12.82
C SER C 154 -22.79 -18.99 -14.12
N PRO C 155 -23.84 -19.42 -14.86
CA PRO C 155 -24.23 -18.71 -16.07
C PRO C 155 -24.88 -17.36 -15.74
N HIS C 156 -25.21 -17.12 -14.47
CA HIS C 156 -25.81 -15.84 -14.06
C HIS C 156 -24.73 -14.90 -13.57
N ALA C 157 -24.51 -13.82 -14.31
CA ALA C 157 -23.40 -12.92 -14.02
C ALA C 157 -23.50 -12.34 -12.63
N HIS C 158 -24.72 -12.03 -12.20
CA HIS C 158 -24.86 -11.44 -10.87
C HIS C 158 -24.47 -12.42 -9.75
N ILE C 159 -24.62 -13.72 -10.03
CA ILE C 159 -24.27 -14.73 -9.00
C ILE C 159 -22.78 -14.98 -9.00
N SER C 160 -22.21 -15.08 -10.20
CA SER C 160 -20.76 -15.19 -10.34
C SER C 160 -20.08 -14.01 -9.61
N GLU C 161 -20.58 -12.79 -9.87
CA GLU C 161 -20.00 -11.57 -9.26
C GLU C 161 -20.10 -11.63 -7.75
N GLN C 162 -21.25 -12.09 -7.25
CA GLN C 162 -21.40 -12.15 -5.82
C GLN C 162 -20.43 -13.17 -5.20
N ALA C 163 -20.16 -14.27 -5.90
CA ALA C 163 -19.20 -15.25 -5.40
C ALA C 163 -17.78 -14.65 -5.43
N VAL C 164 -17.48 -13.88 -6.48
CA VAL C 164 -16.17 -13.16 -6.52
C VAL C 164 -16.05 -12.28 -5.30
N TRP C 165 -17.12 -11.54 -5.02
CA TRP C 165 -17.13 -10.61 -3.88
C TRP C 165 -16.90 -11.36 -2.56
N ALA C 166 -17.65 -12.45 -2.33
CA ALA C 166 -17.51 -13.19 -1.07
C ALA C 166 -16.08 -13.70 -0.89
N LEU C 167 -15.50 -14.23 -1.97
CA LEU C 167 -14.15 -14.78 -1.85
C LEU C 167 -13.13 -13.63 -1.57
N GLY C 168 -13.39 -12.44 -2.12
CA GLY C 168 -12.54 -11.28 -1.84
C GLY C 168 -12.56 -10.98 -0.36
N ASN C 169 -13.73 -11.10 0.29
CA ASN C 169 -13.77 -10.81 1.73
C ASN C 169 -13.08 -11.89 2.53
N ILE C 170 -13.28 -13.16 2.14
CA ILE C 170 -12.62 -14.24 2.85
C ILE C 170 -11.08 -14.10 2.71
N ALA C 171 -10.63 -13.96 1.47
CA ALA C 171 -9.18 -13.81 1.24
C ALA C 171 -8.64 -12.57 1.94
N GLY C 172 -9.46 -11.53 2.03
CA GLY C 172 -9.03 -10.28 2.66
C GLY C 172 -8.86 -10.38 4.17
N ASP C 173 -9.26 -11.50 4.75
CA ASP C 173 -9.15 -11.58 6.19
C ASP C 173 -7.68 -11.66 6.60
N GLY C 174 -6.86 -12.29 5.77
CA GLY C 174 -5.44 -12.39 6.15
C GLY C 174 -4.77 -13.52 5.38
N SER C 175 -3.48 -13.74 5.65
CA SER C 175 -2.72 -14.73 4.91
C SER C 175 -3.28 -16.13 4.91
N ALA C 176 -3.72 -16.62 6.07
CA ALA C 176 -4.21 -17.99 6.13
C ALA C 176 -5.44 -18.23 5.27
N PHE C 177 -6.46 -17.37 5.37
CA PHE C 177 -7.65 -17.57 4.51
C PHE C 177 -7.34 -17.29 3.05
N ARG C 178 -6.46 -16.30 2.81
CA ARG C 178 -6.04 -16.02 1.43
C ARG C 178 -5.48 -17.34 0.84
N ASP C 179 -4.54 -17.96 1.54
CA ASP C 179 -3.88 -19.17 1.05
C ASP C 179 -4.84 -20.33 1.02
N LEU C 180 -5.81 -20.34 1.93
CA LEU C 180 -6.81 -21.41 1.87
C LEU C 180 -7.74 -21.27 0.64
N VAL C 181 -8.09 -20.04 0.30
CA VAL C 181 -8.89 -19.82 -0.90
C VAL C 181 -8.09 -20.27 -2.13
N ILE C 182 -6.79 -20.00 -2.10
CA ILE C 182 -5.95 -20.41 -3.23
C ILE C 182 -5.89 -21.95 -3.31
N LYS C 183 -5.74 -22.62 -2.18
CA LYS C 183 -5.68 -24.08 -2.17
C LYS C 183 -6.95 -24.72 -2.68
N HIS C 184 -8.10 -24.07 -2.43
CA HIS C 184 -9.36 -24.62 -2.94
C HIS C 184 -9.53 -24.34 -4.44
N GLY C 185 -8.56 -23.69 -5.05
CA GLY C 185 -8.54 -23.60 -6.52
C GLY C 185 -9.23 -22.37 -7.09
N ALA C 186 -9.26 -21.28 -6.34
CA ALA C 186 -10.01 -20.09 -6.80
C ALA C 186 -9.33 -19.38 -7.97
N ILE C 187 -8.01 -19.46 -8.09
CA ILE C 187 -7.35 -18.59 -9.07
C ILE C 187 -7.75 -18.90 -10.53
N ASP C 188 -7.69 -20.17 -10.94
CA ASP C 188 -8.01 -20.55 -12.33
C ASP C 188 -9.40 -19.99 -12.77
N PRO C 189 -10.47 -20.27 -11.97
CA PRO C 189 -11.78 -19.77 -12.40
C PRO C 189 -11.94 -18.24 -12.33
N LEU C 190 -11.27 -17.58 -11.39
CA LEU C 190 -11.25 -16.11 -11.35
C LEU C 190 -10.59 -15.58 -12.59
N LEU C 191 -9.44 -16.15 -12.96
CA LEU C 191 -8.72 -15.64 -14.14
C LEU C 191 -9.51 -15.91 -15.42
N ALA C 192 -10.21 -17.03 -15.48
CA ALA C 192 -11.01 -17.36 -16.66
C ALA C 192 -12.10 -16.31 -16.91
N LEU C 193 -12.66 -15.73 -15.84
CA LEU C 193 -13.66 -14.66 -15.99
C LEU C 193 -13.06 -13.42 -16.70
N LEU C 194 -11.74 -13.24 -16.60
CA LEU C 194 -11.07 -12.08 -17.22
C LEU C 194 -10.39 -12.40 -18.56
N ALA C 195 -10.59 -13.61 -19.05
CA ALA C 195 -9.91 -14.05 -20.29
C ALA C 195 -10.78 -13.68 -21.50
N VAL C 196 -10.83 -12.38 -21.77
CA VAL C 196 -11.63 -11.86 -22.88
C VAL C 196 -10.70 -10.99 -23.72
N PRO C 197 -11.01 -10.84 -25.01
CA PRO C 197 -10.18 -10.00 -25.88
C PRO C 197 -10.07 -8.57 -25.38
N ASP C 198 -11.14 -8.04 -24.79
CA ASP C 198 -11.11 -6.64 -24.40
C ASP C 198 -11.89 -6.52 -23.11
N LEU C 199 -11.22 -6.08 -22.05
CA LEU C 199 -11.85 -5.97 -20.72
C LEU C 199 -13.05 -5.00 -20.74
N SER C 200 -13.05 -4.08 -21.68
CA SER C 200 -14.12 -3.10 -21.80
C SER C 200 -15.48 -3.73 -22.10
N THR C 201 -15.52 -5.01 -22.46
CA THR C 201 -16.81 -5.65 -22.69
C THR C 201 -17.47 -6.16 -21.42
N LEU C 202 -16.72 -6.23 -20.33
CA LEU C 202 -17.25 -6.69 -19.06
C LEU C 202 -18.03 -5.54 -18.44
N ALA C 203 -19.07 -5.87 -17.67
CA ALA C 203 -19.74 -4.85 -16.89
C ALA C 203 -18.73 -4.23 -15.94
N CYS C 204 -18.83 -2.92 -15.79
CA CYS C 204 -17.87 -2.15 -15.03
C CYS C 204 -17.83 -2.61 -13.57
N GLY C 205 -18.98 -2.80 -12.96
CA GLY C 205 -18.97 -3.22 -11.55
C GLY C 205 -18.37 -4.60 -11.35
N TYR C 206 -18.63 -5.49 -12.29
CA TYR C 206 -18.14 -6.87 -12.23
C TYR C 206 -16.60 -6.85 -12.33
N LEU C 207 -16.09 -6.08 -13.28
CA LEU C 207 -14.62 -5.97 -13.44
C LEU C 207 -13.96 -5.36 -12.21
N ARG C 208 -14.60 -4.36 -11.61
CA ARG C 208 -14.04 -3.76 -10.39
C ARG C 208 -13.98 -4.78 -9.23
N ASN C 209 -15.05 -5.53 -9.02
CA ASN C 209 -15.01 -6.62 -8.04
C ASN C 209 -13.97 -7.68 -8.32
N LEU C 210 -13.85 -8.11 -9.59
CA LEU C 210 -12.81 -9.10 -9.92
C LEU C 210 -11.41 -8.55 -9.59
N THR C 211 -11.19 -7.27 -9.91
CA THR C 211 -9.86 -6.66 -9.67
C THR C 211 -9.58 -6.60 -8.17
N TRP C 212 -10.59 -6.20 -7.42
CA TRP C 212 -10.43 -6.07 -5.99
C TRP C 212 -10.14 -7.43 -5.34
N THR C 213 -10.95 -8.44 -5.67
CA THR C 213 -10.65 -9.81 -5.22
C THR C 213 -9.25 -10.31 -5.58
N LEU C 214 -8.85 -10.17 -6.84
CA LEU C 214 -7.45 -10.48 -7.18
C LEU C 214 -6.44 -9.72 -6.30
N SER C 215 -6.70 -8.44 -6.01
CA SER C 215 -5.75 -7.69 -5.15
C SER C 215 -5.64 -8.27 -3.75
N ASN C 216 -6.73 -8.80 -3.21
CA ASN C 216 -6.65 -9.45 -1.91
C ASN C 216 -5.93 -10.79 -1.97
N LEU C 217 -5.92 -11.43 -3.13
CA LEU C 217 -5.09 -12.64 -3.24
C LEU C 217 -3.58 -12.27 -3.29
N CYS C 218 -3.28 -11.01 -3.63
CA CYS C 218 -1.89 -10.50 -3.65
C CYS C 218 -1.46 -9.88 -2.31
N ARG C 219 -2.43 -9.62 -1.44
CA ARG C 219 -2.21 -8.86 -0.21
C ARG C 219 -1.72 -9.70 0.96
N ASN C 220 -1.04 -9.03 1.90
CA ASN C 220 -0.63 -9.59 3.17
C ASN C 220 0.69 -10.35 3.11
N LYS C 221 1.30 -10.49 4.26
CA LYS C 221 2.61 -11.07 4.40
C LYS C 221 2.64 -12.01 5.59
N ASN C 222 3.83 -12.50 5.88
CA ASN C 222 4.00 -13.53 6.90
C ASN C 222 2.95 -14.63 6.85
N PRO C 223 2.89 -15.36 5.74
CA PRO C 223 3.79 -15.24 4.59
C PRO C 223 3.19 -14.44 3.47
N ALA C 224 4.05 -14.10 2.54
CA ALA C 224 3.57 -13.49 1.30
C ALA C 224 2.85 -14.58 0.49
N PRO C 225 2.06 -14.18 -0.51
CA PRO C 225 1.29 -15.19 -1.27
C PRO C 225 2.23 -16.20 -1.96
N PRO C 226 1.73 -17.42 -2.21
CA PRO C 226 2.62 -18.43 -2.81
C PRO C 226 3.23 -17.90 -4.15
N LEU C 227 4.52 -18.17 -4.37
CA LEU C 227 5.16 -17.62 -5.59
C LEU C 227 4.41 -18.04 -6.85
N ASP C 228 3.98 -19.30 -6.94
CA ASP C 228 3.28 -19.79 -8.14
C ASP C 228 1.93 -19.11 -8.38
N ALA C 229 1.20 -18.79 -7.31
CA ALA C 229 -0.02 -18.00 -7.39
C ALA C 229 0.28 -16.62 -7.94
N VAL C 230 1.35 -16.01 -7.45
CA VAL C 230 1.68 -14.67 -7.93
C VAL C 230 2.00 -14.71 -9.43
N GLU C 231 2.77 -15.70 -9.84
CA GLU C 231 3.16 -15.82 -11.25
C GLU C 231 1.94 -16.07 -12.12
N GLN C 232 0.98 -16.82 -11.59
CA GLN C 232 -0.27 -17.11 -12.30
C GLN C 232 -1.13 -15.86 -12.47
N ILE C 233 -1.19 -15.00 -11.46
CA ILE C 233 -2.06 -13.81 -11.48
C ILE C 233 -1.44 -12.67 -12.25
N LEU C 234 -0.10 -12.59 -12.26
CA LEU C 234 0.56 -11.37 -12.76
C LEU C 234 0.21 -10.92 -14.20
N PRO C 235 0.17 -11.84 -15.19
CA PRO C 235 -0.15 -11.36 -16.54
C PRO C 235 -1.54 -10.72 -16.59
N THR C 236 -2.49 -11.22 -15.80
CA THR C 236 -3.82 -10.60 -15.77
C THR C 236 -3.74 -9.26 -15.08
N LEU C 237 -2.97 -9.16 -13.99
CA LEU C 237 -2.84 -7.86 -13.30
C LEU C 237 -2.20 -6.83 -14.24
N VAL C 238 -1.20 -7.24 -15.01
CA VAL C 238 -0.53 -6.25 -15.88
C VAL C 238 -1.55 -5.67 -16.87
N ARG C 239 -2.44 -6.52 -17.31
CA ARG C 239 -3.46 -6.13 -18.26
CA ARG C 239 -3.46 -6.14 -18.27
C ARG C 239 -4.50 -5.20 -17.60
N LEU C 240 -4.88 -5.50 -16.36
CA LEU C 240 -5.81 -4.63 -15.63
C LEU C 240 -5.19 -3.28 -15.34
N LEU C 241 -3.87 -3.26 -15.11
CA LEU C 241 -3.16 -2.02 -14.90
C LEU C 241 -3.19 -1.08 -16.13
N HIS C 242 -3.51 -1.62 -17.30
CA HIS C 242 -3.67 -0.77 -18.49
C HIS C 242 -5.12 -0.46 -18.85
N HIS C 243 -6.05 -0.85 -17.99
CA HIS C 243 -7.47 -0.61 -18.24
C HIS C 243 -7.84 0.86 -17.94
N ASN C 244 -8.93 1.36 -18.48
CA ASN C 244 -9.13 2.80 -18.32
C ASN C 244 -10.11 3.22 -17.18
N ASP C 245 -10.52 2.29 -16.35
CA ASP C 245 -11.43 2.65 -15.24
C ASP C 245 -10.64 3.05 -14.01
N PRO C 246 -10.93 4.22 -13.44
CA PRO C 246 -10.15 4.69 -12.29
C PRO C 246 -10.12 3.72 -11.09
N GLU C 247 -11.23 3.03 -10.84
CA GLU C 247 -11.23 2.09 -9.70
C GLU C 247 -10.47 0.82 -10.00
N VAL C 248 -10.58 0.29 -11.20
CA VAL C 248 -9.71 -0.84 -11.58
C VAL C 248 -8.23 -0.47 -11.50
N LEU C 249 -7.88 0.72 -12.03
CA LEU C 249 -6.47 1.15 -11.94
C LEU C 249 -6.03 1.27 -10.49
N ALA C 250 -6.86 1.85 -9.63
CA ALA C 250 -6.43 1.98 -8.23
C ALA C 250 -6.20 0.59 -7.60
N ASP C 251 -7.14 -0.32 -7.76
CA ASP C 251 -6.98 -1.61 -7.09
C ASP C 251 -5.85 -2.46 -7.72
N SER C 252 -5.63 -2.29 -9.03
CA SER C 252 -4.49 -2.91 -9.72
C SER C 252 -3.20 -2.38 -9.15
N CYS C 253 -3.11 -1.04 -8.98
CA CYS C 253 -1.93 -0.46 -8.30
C CYS C 253 -1.78 -1.00 -6.89
N TRP C 254 -2.88 -1.10 -6.12
CA TRP C 254 -2.77 -1.66 -4.76
C TRP C 254 -2.16 -3.06 -4.84
N ALA C 255 -2.67 -3.87 -5.76
CA ALA C 255 -2.18 -5.27 -5.90
C ALA C 255 -0.68 -5.26 -6.20
N ILE C 256 -0.26 -4.39 -7.12
CA ILE C 256 1.15 -4.31 -7.45
C ILE C 256 1.93 -3.81 -6.26
N SER C 257 1.37 -2.89 -5.49
CA SER C 257 2.09 -2.41 -4.29
C SER C 257 2.29 -3.53 -3.26
N TYR C 258 1.27 -4.40 -3.10
CA TYR C 258 1.48 -5.55 -2.20
C TYR C 258 2.58 -6.48 -2.73
N LEU C 259 2.56 -6.76 -4.02
CA LEU C 259 3.50 -7.75 -4.55
C LEU C 259 4.92 -7.26 -4.49
N THR C 260 5.12 -5.94 -4.51
CA THR C 260 6.49 -5.40 -4.43
C THR C 260 6.91 -5.08 -3.01
N ASP C 261 6.02 -5.33 -2.04
CA ASP C 261 6.35 -5.03 -0.63
C ASP C 261 6.96 -6.32 -0.05
N GLY C 262 8.26 -6.50 -0.24
CA GLY C 262 8.89 -7.77 0.09
C GLY C 262 10.35 -7.79 -0.35
N PRO C 263 11.00 -8.95 -0.24
CA PRO C 263 12.42 -8.98 -0.61
C PRO C 263 12.63 -8.77 -2.11
N ASN C 264 13.88 -8.63 -2.51
CA ASN C 264 14.19 -8.26 -3.88
C ASN C 264 13.64 -9.20 -4.94
N GLU C 265 13.52 -10.49 -4.60
CA GLU C 265 13.02 -11.50 -5.54
C GLU C 265 11.56 -11.29 -5.92
N ARG C 266 10.78 -10.83 -4.94
CA ARG C 266 9.39 -10.53 -5.16
C ARG C 266 9.27 -9.26 -6.00
N ILE C 267 10.09 -8.27 -5.71
CA ILE C 267 10.12 -7.06 -6.55
C ILE C 267 10.48 -7.42 -8.00
N GLU C 268 11.46 -8.30 -8.17
CA GLU C 268 11.92 -8.62 -9.52
C GLU C 268 10.85 -9.29 -10.37
N MET C 269 10.02 -10.11 -9.75
CA MET C 269 8.94 -10.80 -10.46
C MET C 269 8.05 -9.76 -11.09
N VAL C 270 7.84 -8.67 -10.36
CA VAL C 270 6.98 -7.61 -10.87
C VAL C 270 7.71 -6.74 -11.90
N VAL C 271 8.92 -6.30 -11.58
CA VAL C 271 9.67 -5.44 -12.50
C VAL C 271 9.92 -6.14 -13.85
N LYS C 272 10.14 -7.44 -13.80
CA LYS C 272 10.43 -8.20 -15.03
C LYS C 272 9.25 -8.21 -15.98
N LYS C 273 8.05 -7.99 -15.45
CA LYS C 273 6.83 -7.93 -16.26
C LYS C 273 6.70 -6.59 -17.04
N GLY C 274 7.66 -5.68 -16.84
CA GLY C 274 7.68 -4.43 -17.58
C GLY C 274 6.68 -3.37 -17.13
N VAL C 275 6.14 -3.50 -15.92
CA VAL C 275 5.11 -2.56 -15.48
C VAL C 275 5.61 -1.18 -14.98
N VAL C 276 6.91 -1.03 -14.78
CA VAL C 276 7.38 0.24 -14.18
C VAL C 276 6.95 1.51 -14.97
N PRO C 277 7.13 1.53 -16.30
CA PRO C 277 6.64 2.70 -17.04
C PRO C 277 5.16 3.01 -16.84
N GLN C 278 4.30 1.99 -16.75
CA GLN C 278 2.89 2.25 -16.54
C GLN C 278 2.64 2.77 -15.13
N LEU C 279 3.37 2.23 -14.14
CA LEU C 279 3.27 2.76 -12.76
C LEU C 279 3.66 4.24 -12.74
N VAL C 280 4.72 4.60 -13.47
CA VAL C 280 5.14 6.01 -13.47
C VAL C 280 4.11 6.89 -14.13
N LYS C 281 3.49 6.40 -15.20
CA LYS C 281 2.37 7.12 -15.79
C LYS C 281 1.22 7.34 -14.75
N LEU C 282 0.89 6.30 -14.00
CA LEU C 282 -0.20 6.41 -13.02
C LEU C 282 0.19 7.31 -11.84
N LEU C 283 1.50 7.39 -11.54
CA LEU C 283 2.01 8.33 -10.52
C LEU C 283 1.59 9.73 -10.84
N GLY C 284 1.42 10.00 -12.13
CA GLY C 284 1.04 11.30 -12.57
C GLY C 284 -0.45 11.52 -12.66
N ALA C 285 -1.26 10.53 -12.28
CA ALA C 285 -2.72 10.64 -12.41
C ALA C 285 -3.30 11.76 -11.55
N THR C 286 -4.46 12.31 -11.96
CA THR C 286 -5.09 13.35 -11.15
C THR C 286 -5.81 12.74 -9.94
N GLU C 287 -6.21 11.48 -10.06
CA GLU C 287 -6.96 10.82 -9.01
C GLU C 287 -6.05 10.40 -7.87
N LEU C 288 -6.24 11.00 -6.70
CA LEU C 288 -5.52 10.56 -5.51
C LEU C 288 -5.65 9.06 -5.20
N PRO C 289 -6.84 8.44 -5.42
CA PRO C 289 -6.88 6.99 -5.17
C PRO C 289 -5.95 6.18 -6.06
N ILE C 290 -5.50 6.71 -7.19
CA ILE C 290 -4.56 6.01 -8.05
C ILE C 290 -3.14 6.41 -7.64
N VAL C 291 -2.90 7.71 -7.45
CA VAL C 291 -1.54 8.15 -7.10
C VAL C 291 -1.04 7.45 -5.82
N THR C 292 -1.92 7.28 -4.85
CA THR C 292 -1.49 6.70 -3.59
C THR C 292 -0.84 5.30 -3.72
N PRO C 293 -1.55 4.30 -4.28
CA PRO C 293 -0.90 2.98 -4.42
C PRO C 293 0.17 2.95 -5.53
N ALA C 294 0.09 3.80 -6.56
CA ALA C 294 1.13 3.82 -7.60
C ALA C 294 2.44 4.29 -6.96
N LEU C 295 2.36 5.33 -6.14
CA LEU C 295 3.53 5.80 -5.38
C LEU C 295 4.07 4.77 -4.34
N ARG C 296 3.20 4.06 -3.64
CA ARG C 296 3.67 3.04 -2.72
C ARG C 296 4.42 1.95 -3.49
N ALA C 297 3.89 1.55 -4.65
CA ALA C 297 4.55 0.51 -5.45
C ALA C 297 5.91 1.00 -5.90
N ILE C 298 5.96 2.25 -6.41
CA ILE C 298 7.26 2.79 -6.86
C ILE C 298 8.24 2.84 -5.69
N GLY C 299 7.76 3.29 -4.52
CA GLY C 299 8.62 3.38 -3.34
C GLY C 299 9.11 1.98 -2.95
N ASN C 300 8.23 0.99 -3.04
CA ASN C 300 8.62 -0.38 -2.74
C ASN C 300 9.73 -0.87 -3.66
N ILE C 301 9.58 -0.60 -4.95
CA ILE C 301 10.59 -1.01 -5.92
C ILE C 301 11.97 -0.43 -5.62
N VAL C 302 12.01 0.83 -5.19
CA VAL C 302 13.31 1.46 -4.99
C VAL C 302 13.94 1.03 -3.66
N THR C 303 13.24 0.21 -2.87
CA THR C 303 13.89 -0.44 -1.72
C THR C 303 14.72 -1.63 -2.20
N GLY C 304 14.59 -1.99 -3.47
CA GLY C 304 15.28 -3.18 -4.02
C GLY C 304 16.72 -2.88 -4.43
N THR C 305 17.22 -3.59 -5.44
CA THR C 305 18.59 -3.41 -5.89
C THR C 305 18.80 -2.08 -6.60
N ASP C 306 20.07 -1.77 -6.85
CA ASP C 306 20.37 -0.55 -7.57
C ASP C 306 19.79 -0.60 -8.97
N GLU C 307 19.82 -1.80 -9.55
CA GLU C 307 19.29 -2.05 -10.88
C GLU C 307 17.76 -1.88 -10.95
N GLN C 308 17.04 -2.37 -9.94
CA GLN C 308 15.59 -2.17 -9.89
C GLN C 308 15.27 -0.69 -9.75
N THR C 309 16.05 -0.01 -8.92
CA THR C 309 15.88 1.42 -8.73
C THR C 309 16.10 2.16 -10.04
N GLN C 310 17.10 1.74 -10.80
CA GLN C 310 17.40 2.41 -12.09
C GLN C 310 16.21 2.29 -13.06
N LYS C 311 15.45 1.20 -12.99
CA LYS C 311 14.28 1.05 -13.86
C LYS C 311 13.29 2.16 -13.59
N VAL C 312 13.14 2.50 -12.32
CA VAL C 312 12.22 3.54 -11.91
C VAL C 312 12.72 4.90 -12.40
N ILE C 313 14.01 5.16 -12.23
CA ILE C 313 14.58 6.42 -12.76
C ILE C 313 14.47 6.45 -14.29
N ASP C 314 14.81 5.36 -14.96
CA ASP C 314 14.82 5.28 -16.43
C ASP C 314 13.43 5.56 -17.00
N ALA C 315 12.39 5.15 -16.28
CA ALA C 315 11.02 5.31 -16.72
C ALA C 315 10.49 6.74 -16.54
N GLY C 316 11.30 7.61 -15.95
CA GLY C 316 10.94 9.01 -15.86
C GLY C 316 10.31 9.42 -14.53
N ALA C 317 10.43 8.57 -13.51
CA ALA C 317 9.72 8.85 -12.26
C ALA C 317 10.14 10.17 -11.59
N LEU C 318 11.42 10.54 -11.74
CA LEU C 318 11.91 11.69 -11.00
C LEU C 318 11.21 13.01 -11.43
N ALA C 319 10.77 13.08 -12.69
CA ALA C 319 10.10 14.28 -13.19
C ALA C 319 8.79 14.50 -12.45
N VAL C 320 8.26 13.48 -11.79
CA VAL C 320 6.97 13.67 -11.08
C VAL C 320 7.19 14.19 -9.65
N PHE C 321 8.41 14.10 -9.16
CA PHE C 321 8.67 14.48 -7.77
C PHE C 321 8.55 15.96 -7.35
N PRO C 322 8.77 16.92 -8.27
CA PRO C 322 8.47 18.30 -7.85
C PRO C 322 7.04 18.42 -7.32
N SER C 323 6.10 17.80 -8.01
CA SER C 323 4.71 17.80 -7.55
C SER C 323 4.48 16.92 -6.31
N LEU C 324 5.05 15.71 -6.31
CA LEU C 324 4.81 14.81 -5.18
C LEU C 324 5.37 15.41 -3.90
N LEU C 325 6.53 16.04 -3.99
CA LEU C 325 7.20 16.56 -2.79
C LEU C 325 6.58 17.86 -2.30
N THR C 326 5.64 18.40 -3.09
CA THR C 326 4.82 19.56 -2.62
C THR C 326 3.33 19.25 -2.56
N ASN C 327 3.00 17.97 -2.60
CA ASN C 327 1.62 17.55 -2.67
C ASN C 327 0.86 17.94 -1.40
N PRO C 328 -0.34 18.47 -1.57
CA PRO C 328 -1.11 18.91 -0.41
C PRO C 328 -1.49 17.76 0.54
N LYS C 329 -1.48 16.52 0.06
CA LYS C 329 -1.82 15.39 0.96
C LYS C 329 -0.56 15.01 1.71
N THR C 330 -0.61 15.10 3.03
CA THR C 330 0.56 14.83 3.88
C THR C 330 1.13 13.45 3.61
N ASN C 331 0.25 12.47 3.48
CA ASN C 331 0.70 11.10 3.25
C ASN C 331 1.47 10.94 1.94
N ILE C 332 1.07 11.64 0.88
CA ILE C 332 1.81 11.60 -0.39
C ILE C 332 3.20 12.23 -0.24
N GLN C 333 3.26 13.38 0.42
CA GLN C 333 4.58 14.03 0.59
C GLN C 333 5.52 13.16 1.41
N LYS C 334 4.99 12.58 2.46
CA LYS C 334 5.82 11.74 3.32
C LYS C 334 6.31 10.51 2.56
N GLU C 335 5.42 9.83 1.85
CA GLU C 335 5.79 8.64 1.05
C GLU C 335 6.80 9.01 -0.05
N ALA C 336 6.55 10.12 -0.71
CA ALA C 336 7.46 10.57 -1.75
C ALA C 336 8.85 10.91 -1.22
N THR C 337 8.91 11.45 -0.01
CA THR C 337 10.20 11.83 0.58
C THR C 337 10.94 10.57 1.02
N TRP C 338 10.21 9.59 1.58
CA TRP C 338 10.80 8.31 1.95
C TRP C 338 11.42 7.68 0.70
N THR C 339 10.66 7.76 -0.40
CA THR C 339 11.12 7.18 -1.66
C THR C 339 12.41 7.91 -2.12
N MET C 340 12.39 9.23 -2.05
CA MET C 340 13.62 9.99 -2.36
C MET C 340 14.79 9.54 -1.50
N SER C 341 14.55 9.30 -0.22
CA SER C 341 15.65 8.85 0.65
C SER C 341 16.26 7.52 0.20
N ASN C 342 15.41 6.64 -0.35
CA ASN C 342 15.93 5.36 -0.85
C ASN C 342 16.66 5.49 -2.19
N ILE C 343 16.28 6.51 -2.96
CA ILE C 343 17.03 6.79 -4.17
C ILE C 343 18.38 7.44 -3.84
N THR C 344 18.41 8.39 -2.89
CA THR C 344 19.72 9.00 -2.50
C THR C 344 20.61 8.02 -1.76
N ALA C 345 20.05 6.86 -1.38
CA ALA C 345 20.85 5.78 -0.80
C ALA C 345 21.51 4.97 -1.93
N GLY C 346 21.27 5.38 -3.17
CA GLY C 346 21.74 4.63 -4.32
C GLY C 346 23.15 5.02 -4.78
N ARG C 347 23.44 4.73 -6.04
CA ARG C 347 24.76 4.93 -6.64
C ARG C 347 24.94 6.42 -6.88
N GLN C 348 26.19 6.83 -7.10
CA GLN C 348 26.48 8.21 -7.40
C GLN C 348 25.80 8.71 -8.68
N ASP C 349 25.67 7.86 -9.70
CA ASP C 349 24.96 8.29 -10.91
C ASP C 349 23.47 8.48 -10.67
N GLN C 350 22.93 7.80 -9.65
CA GLN C 350 21.53 7.95 -9.29
C GLN C 350 21.34 9.20 -8.46
N ILE C 351 22.22 9.44 -7.50
CA ILE C 351 22.22 10.77 -6.86
C ILE C 351 22.34 11.88 -7.92
N GLN C 352 23.18 11.69 -8.97
CA GLN C 352 23.32 12.75 -9.99
C GLN C 352 22.02 13.04 -10.71
N GLN C 353 21.23 11.99 -10.94
CA GLN C 353 19.92 12.21 -11.55
C GLN C 353 18.97 12.96 -10.63
N VAL C 354 19.06 12.73 -9.31
CA VAL C 354 18.25 13.52 -8.36
C VAL C 354 18.67 14.99 -8.53
N VAL C 355 19.96 15.24 -8.58
CA VAL C 355 20.42 16.59 -8.87
C VAL C 355 19.93 17.15 -10.19
N ASN C 356 20.13 16.41 -11.28
CA ASN C 356 19.76 16.87 -12.62
C ASN C 356 18.28 17.25 -12.73
N HIS C 357 17.43 16.46 -12.07
CA HIS C 357 15.99 16.75 -12.05
C HIS C 357 15.57 17.89 -11.16
N GLY C 358 16.53 18.56 -10.52
CA GLY C 358 16.23 19.75 -9.72
C GLY C 358 15.60 19.40 -8.39
N LEU C 359 15.86 18.20 -7.87
CA LEU C 359 15.10 17.73 -6.72
C LEU C 359 15.76 18.16 -5.42
N VAL C 360 17.03 18.59 -5.47
CA VAL C 360 17.64 18.96 -4.19
C VAL C 360 16.94 20.20 -3.59
N PRO C 361 16.61 21.20 -4.43
CA PRO C 361 15.84 22.31 -3.83
C PRO C 361 14.53 21.86 -3.19
N PHE C 362 13.91 20.82 -3.72
CA PHE C 362 12.64 20.33 -3.16
C PHE C 362 12.87 19.64 -1.83
N LEU C 363 14.02 18.99 -1.71
CA LEU C 363 14.38 18.37 -0.42
C LEU C 363 14.69 19.45 0.62
N VAL C 364 15.36 20.52 0.19
CA VAL C 364 15.57 21.66 1.09
C VAL C 364 14.22 22.22 1.57
N GLY C 365 13.26 22.27 0.64
CA GLY C 365 11.92 22.79 0.92
C GLY C 365 11.24 21.92 1.97
N VAL C 366 11.28 20.60 1.80
CA VAL C 366 10.61 19.73 2.76
C VAL C 366 11.29 19.77 4.11
N LEU C 367 12.62 19.88 4.10
CA LEU C 367 13.33 20.03 5.37
C LEU C 367 12.93 21.33 6.07
N SER C 368 12.64 22.37 5.28
CA SER C 368 12.37 23.68 5.86
C SER C 368 10.95 23.73 6.45
N LYS C 369 10.01 23.07 5.78
CA LYS C 369 8.61 23.14 6.22
C LYS C 369 7.88 21.93 5.67
N ALA C 370 7.42 21.07 6.58
CA ALA C 370 6.60 19.92 6.20
C ALA C 370 6.14 19.31 7.51
N ASP C 371 5.19 18.39 7.43
CA ASP C 371 4.85 17.58 8.58
C ASP C 371 6.14 16.99 9.20
N PHE C 372 6.20 16.88 10.53
CA PHE C 372 7.44 16.39 11.14
C PHE C 372 7.92 15.05 10.58
N LYS C 373 7.00 14.11 10.37
CA LYS C 373 7.42 12.78 9.88
C LYS C 373 8.01 12.85 8.48
N THR C 374 7.54 13.82 7.70
CA THR C 374 8.11 14.05 6.38
C THR C 374 9.50 14.69 6.52
N GLN C 375 9.65 15.62 7.45
CA GLN C 375 10.95 16.24 7.66
C GLN C 375 11.95 15.17 8.09
N LYS C 376 11.46 14.16 8.81
CA LYS C 376 12.33 13.09 9.29
C LYS C 376 12.83 12.29 8.09
N GLU C 377 11.93 12.01 7.14
CA GLU C 377 12.33 11.31 5.91
C GLU C 377 13.31 12.16 5.12
N ALA C 378 13.11 13.48 5.12
CA ALA C 378 14.01 14.36 4.37
C ALA C 378 15.40 14.32 4.97
N ALA C 379 15.46 14.26 6.29
CA ALA C 379 16.72 14.19 7.00
C ALA C 379 17.45 12.93 6.56
N TRP C 380 16.75 11.80 6.53
CA TRP C 380 17.36 10.55 6.04
C TRP C 380 17.85 10.70 4.59
N ALA C 381 17.02 11.30 3.75
CA ALA C 381 17.40 11.53 2.38
C ALA C 381 18.72 12.28 2.26
N ILE C 382 18.87 13.32 3.08
CA ILE C 382 20.11 14.11 3.12
C ILE C 382 21.28 13.27 3.64
N THR C 383 21.02 12.52 4.71
CA THR C 383 22.13 11.75 5.26
C THR C 383 22.61 10.69 4.27
N ASN C 384 21.66 10.06 3.57
CA ASN C 384 22.01 9.04 2.57
C ASN C 384 22.79 9.68 1.41
N TYR C 385 22.25 10.78 0.88
CA TYR C 385 22.96 11.56 -0.14
C TYR C 385 24.42 11.87 0.25
N THR C 386 24.64 12.36 1.47
CA THR C 386 25.97 12.81 1.89
C THR C 386 26.83 11.61 2.19
N SER C 387 26.20 10.50 2.50
CA SER C 387 26.97 9.28 2.74
C SER C 387 27.48 8.71 1.41
N GLY C 388 26.66 8.76 0.37
CA GLY C 388 27.04 8.16 -0.91
C GLY C 388 27.59 9.08 -2.01
N GLY C 389 27.37 10.38 -1.85
CA GLY C 389 27.61 11.34 -2.92
C GLY C 389 29.09 11.67 -3.08
N THR C 390 29.44 12.28 -4.20
CA THR C 390 30.80 12.80 -4.41
C THR C 390 30.95 14.11 -3.65
N VAL C 391 32.19 14.58 -3.48
CA VAL C 391 32.34 15.87 -2.83
C VAL C 391 31.61 16.98 -3.63
N GLU C 392 31.56 16.88 -4.96
CA GLU C 392 30.91 17.91 -5.78
C GLU C 392 29.43 17.91 -5.47
N GLN C 393 28.88 16.72 -5.36
CA GLN C 393 27.44 16.61 -5.13
C GLN C 393 27.12 17.18 -3.75
N ILE C 394 28.00 16.90 -2.78
CA ILE C 394 27.82 17.37 -1.41
C ILE C 394 27.91 18.90 -1.29
N VAL C 395 28.94 19.49 -1.89
CA VAL C 395 29.06 20.95 -2.03
C VAL C 395 27.78 21.58 -2.58
N TYR C 396 27.27 20.96 -3.64
CA TYR C 396 26.03 21.41 -4.29
C TYR C 396 24.88 21.50 -3.29
N LEU C 397 24.81 20.52 -2.40
CA LEU C 397 23.75 20.47 -1.41
C LEU C 397 23.82 21.70 -0.51
N VAL C 398 25.03 22.09 -0.10
CA VAL C 398 25.23 23.27 0.70
C VAL C 398 24.83 24.56 -0.06
N HIS C 399 25.21 24.61 -1.33
CA HIS C 399 24.88 25.76 -2.17
C HIS C 399 23.37 25.89 -2.36
N CYS C 400 22.63 24.79 -2.22
CA CYS C 400 21.16 24.83 -2.34
C CYS C 400 20.47 25.29 -1.07
N GLY C 401 21.23 25.42 0.01
CA GLY C 401 20.72 25.95 1.26
C GLY C 401 20.36 24.88 2.28
N ILE C 402 21.03 23.73 2.23
CA ILE C 402 20.66 22.65 3.12
C ILE C 402 20.97 22.97 4.58
N ILE C 403 22.00 23.78 4.84
CA ILE C 403 22.56 23.89 6.19
C ILE C 403 21.58 24.49 7.19
N GLU C 404 20.95 25.60 6.83
CA GLU C 404 20.07 26.22 7.82
C GLU C 404 18.86 25.35 8.24
N PRO C 405 18.11 24.76 7.30
CA PRO C 405 16.98 23.96 7.79
C PRO C 405 17.44 22.70 8.51
N LEU C 406 18.62 22.21 8.16
CA LEU C 406 19.17 21.05 8.91
C LEU C 406 19.43 21.46 10.37
N MET C 407 20.07 22.62 10.57
CA MET C 407 20.35 23.11 11.91
C MET C 407 19.09 23.33 12.71
N ASN C 408 18.07 23.90 12.08
CA ASN C 408 16.80 24.17 12.76
C ASN C 408 16.13 22.93 13.34
N LEU C 409 16.28 21.80 12.64
CA LEU C 409 15.71 20.55 13.12
C LEU C 409 16.48 19.91 14.26
N LEU C 410 17.56 20.54 14.70
CA LEU C 410 18.35 19.99 15.79
C LEU C 410 17.67 20.29 17.12
N SER C 411 16.60 21.08 17.04
CA SER C 411 15.84 21.41 18.24
C SER C 411 14.73 20.38 18.42
N ALA C 412 14.59 19.48 17.45
CA ALA C 412 13.59 18.43 17.50
C ALA C 412 13.71 17.62 18.78
N LYS C 413 12.57 17.16 19.31
CA LYS C 413 12.57 16.36 20.52
C LYS C 413 13.02 14.95 20.22
N ASP C 414 12.51 14.41 19.11
CA ASP C 414 12.91 13.12 18.55
C ASP C 414 14.44 12.96 18.54
N THR C 415 14.93 11.97 19.28
CA THR C 415 16.35 11.65 19.33
C THR C 415 16.94 11.13 18.02
N LYS C 416 16.20 10.26 17.33
CA LYS C 416 16.71 9.62 16.11
C LYS C 416 17.03 10.60 14.98
N ILE C 417 16.22 11.65 14.83
CA ILE C 417 16.50 12.61 13.77
C ILE C 417 17.74 13.44 14.12
N ILE C 418 18.01 13.62 15.42
CA ILE C 418 19.21 14.31 15.85
C ILE C 418 20.43 13.55 15.33
N GLN C 419 20.45 12.24 15.61
CA GLN C 419 21.54 11.37 15.18
C GLN C 419 21.76 11.45 13.66
N VAL C 420 20.66 11.30 12.91
CA VAL C 420 20.68 11.34 11.46
C VAL C 420 21.28 12.66 10.94
N ILE C 421 20.83 13.78 11.51
CA ILE C 421 21.31 15.11 11.13
C ILE C 421 22.80 15.30 11.47
N LEU C 422 23.19 14.93 12.69
CA LEU C 422 24.59 15.02 13.06
C LEU C 422 25.48 14.18 12.13
N ASP C 423 24.97 13.01 11.72
CA ASP C 423 25.66 12.15 10.76
C ASP C 423 25.89 12.89 9.45
N ALA C 424 24.85 13.54 8.93
CA ALA C 424 24.95 14.31 7.68
C ALA C 424 25.96 15.46 7.79
N ILE C 425 25.93 16.18 8.91
CA ILE C 425 26.85 17.29 9.13
C ILE C 425 28.29 16.79 9.14
N SER C 426 28.50 15.64 9.76
CA SER C 426 29.83 15.05 9.77
C SER C 426 30.27 14.75 8.33
N ASN C 427 29.37 14.17 7.54
CA ASN C 427 29.69 13.86 6.15
C ASN C 427 29.98 15.11 5.33
N ILE C 428 29.17 16.15 5.53
CA ILE C 428 29.39 17.41 4.86
C ILE C 428 30.74 17.97 5.25
N PHE C 429 31.05 17.96 6.55
CA PHE C 429 32.36 18.42 7.02
C PHE C 429 33.53 17.65 6.38
N GLN C 430 33.38 16.34 6.22
CA GLN C 430 34.45 15.54 5.63
C GLN C 430 34.65 15.93 4.17
N ALA C 431 33.56 16.26 3.48
CA ALA C 431 33.66 16.80 2.14
C ALA C 431 34.42 18.13 2.19
N ALA C 432 34.03 19.02 3.11
CA ALA C 432 34.72 20.31 3.26
C ALA C 432 36.22 20.16 3.55
N GLU C 433 36.59 19.15 4.34
CA GLU C 433 37.99 18.83 4.65
C GLU C 433 38.79 18.62 3.37
N LYS C 434 38.25 17.79 2.48
CA LYS C 434 38.93 17.46 1.23
C LYS C 434 39.16 18.69 0.36
N LEU C 435 38.31 19.69 0.53
CA LEU C 435 38.42 20.95 -0.22
C LEU C 435 39.21 22.03 0.52
N GLY C 436 39.50 21.80 1.80
CA GLY C 436 40.18 22.79 2.64
C GLY C 436 39.28 23.92 3.14
N GLU C 437 37.97 23.70 3.07
CA GLU C 437 37.00 24.75 3.31
C GLU C 437 36.17 24.46 4.54
N THR C 438 36.77 23.72 5.47
CA THR C 438 36.14 23.39 6.74
C THR C 438 35.71 24.68 7.46
N GLU C 439 36.59 25.68 7.46
CA GLU C 439 36.33 26.91 8.20
C GLU C 439 35.09 27.66 7.70
N LYS C 440 34.93 27.77 6.38
CA LYS C 440 33.74 28.43 5.81
C LYS C 440 32.44 27.77 6.26
N LEU C 441 32.47 26.45 6.40
CA LEU C 441 31.27 25.71 6.77
C LEU C 441 30.97 25.95 8.24
N SER C 442 32.03 26.04 9.04
CA SER C 442 31.90 26.32 10.46
C SER C 442 31.19 27.65 10.69
N ILE C 443 31.63 28.68 9.98
CA ILE C 443 31.00 29.98 10.08
C ILE C 443 29.53 29.94 9.67
N MET C 444 29.25 29.23 8.57
CA MET C 444 27.87 29.09 8.08
C MET C 444 27.00 28.46 9.16
N ILE C 445 27.56 27.48 9.86
CA ILE C 445 26.81 26.76 10.87
C ILE C 445 26.60 27.63 12.10
N GLU C 446 27.65 28.36 12.50
CA GLU C 446 27.55 29.29 13.62
C GLU C 446 26.59 30.46 13.32
N GLU C 447 26.67 31.01 12.13
CA GLU C 447 25.85 32.14 11.73
C GLU C 447 24.36 31.87 11.84
N CYS C 448 23.94 30.66 11.48
CA CYS C 448 22.51 30.36 11.46
C CYS C 448 22.04 29.79 12.80
N GLY C 449 22.91 29.85 13.81
CA GLY C 449 22.54 29.43 15.14
C GLY C 449 22.79 27.97 15.42
N GLY C 450 23.39 27.29 14.44
CA GLY C 450 23.64 25.86 14.53
C GLY C 450 24.67 25.42 15.55
N LEU C 451 25.71 26.23 15.77
CA LEU C 451 26.72 25.86 16.74
C LEU C 451 26.12 25.87 18.14
N ASP C 452 25.30 26.87 18.42
CA ASP C 452 24.57 26.94 19.68
C ASP C 452 23.76 25.67 19.89
N LYS C 453 23.02 25.28 18.85
CA LYS C 453 22.23 24.07 18.88
C LYS C 453 23.09 22.81 19.14
N ILE C 454 24.24 22.70 18.47
CA ILE C 454 25.13 21.56 18.69
C ILE C 454 25.80 21.56 20.06
N GLU C 455 26.34 22.70 20.49
CA GLU C 455 27.03 22.79 21.78
C GLU C 455 26.10 22.31 22.88
N ALA C 456 24.86 22.75 22.83
CA ALA C 456 23.85 22.32 23.78
C ALA C 456 23.60 20.81 23.75
N LEU C 457 23.74 20.20 22.58
CA LEU C 457 23.55 18.75 22.41
C LEU C 457 24.60 17.90 23.17
N GLN C 458 25.67 18.54 23.64
CA GLN C 458 26.63 17.84 24.50
C GLN C 458 26.01 17.47 25.86
N ARG C 459 24.92 18.15 26.21
CA ARG C 459 24.15 17.81 27.42
C ARG C 459 22.86 17.05 27.09
N HIS C 460 22.92 16.14 26.12
CA HIS C 460 21.77 15.31 25.78
C HIS C 460 21.93 13.96 26.47
N GLU C 461 20.83 13.24 26.65
CA GLU C 461 20.84 11.92 27.26
C GLU C 461 21.67 10.91 26.46
N ASN C 462 21.21 10.61 25.25
CA ASN C 462 21.82 9.61 24.38
C ASN C 462 23.33 9.75 24.22
N GLU C 463 24.03 8.63 24.32
CA GLU C 463 25.50 8.62 24.17
C GLU C 463 25.92 9.07 22.78
N SER C 464 25.50 8.33 21.76
CA SER C 464 25.78 8.67 20.37
C SER C 464 25.52 10.15 20.08
N VAL C 465 24.43 10.70 20.62
CA VAL C 465 24.14 12.13 20.43
C VAL C 465 25.20 13.07 21.03
N TYR C 466 25.52 12.88 22.30
CA TYR C 466 26.54 13.69 22.98
C TYR C 466 27.95 13.49 22.42
N LYS C 467 28.29 12.23 22.12
CA LYS C 467 29.60 11.87 21.57
C LYS C 467 29.78 12.52 20.19
N ALA C 468 28.83 12.28 19.30
CA ALA C 468 28.87 12.84 17.93
C ALA C 468 29.00 14.36 17.91
N SER C 469 28.30 15.01 18.83
CA SER C 469 28.36 16.47 19.02
C SER C 469 29.76 16.96 19.42
N LEU C 470 30.26 16.43 20.53
CA LEU C 470 31.57 16.83 21.02
C LEU C 470 32.65 16.60 19.98
N ASN C 471 32.56 15.49 19.24
CA ASN C 471 33.47 15.26 18.12
C ASN C 471 33.41 16.40 17.09
N LEU C 472 32.20 16.81 16.71
CA LEU C 472 32.03 17.94 15.78
C LEU C 472 32.66 19.20 16.33
N ILE C 473 32.36 19.50 17.59
CA ILE C 473 32.79 20.73 18.22
C ILE C 473 34.30 20.79 18.38
N GLU C 474 34.90 19.71 18.87
CA GLU C 474 36.33 19.71 19.13
C GLU C 474 37.13 19.61 17.83
N LYS C 475 36.55 18.99 16.81
CA LYS C 475 37.24 18.79 15.53
C LYS C 475 37.07 20.00 14.58
N TYR C 476 35.91 20.65 14.65
CA TYR C 476 35.60 21.77 13.74
C TYR C 476 35.34 23.16 14.37
N PHE C 477 35.01 23.21 15.66
CA PHE C 477 34.67 24.50 16.30
C PHE C 477 35.52 24.81 17.56
N SER C 478 36.84 24.77 17.45
CA SER C 478 37.71 24.97 18.61
C SER C 478 37.45 26.29 19.34
#